data_4DCV
#
_entry.id   4DCV
#
_cell.length_a   62.493
_cell.length_b   66.191
_cell.length_c   111.740
_cell.angle_alpha   90.00
_cell.angle_beta   90.00
_cell.angle_gamma   90.00
#
_symmetry.space_group_name_H-M   'P 21 21 21'
#
loop_
_entity.id
_entity.type
_entity.pdbx_description
1 polymer 'GTP-BINDING PROTEIN ENGA'
2 non-polymer 'PHOSPHOMETHYLPHOSPHONIC ACID GUANYLATE ESTER'
3 water water
#
_entity_poly.entity_id   1
_entity_poly.type   'polypeptide(L)'
_entity_poly.pdbx_seq_one_letter_code
;MGSSHHHHHHSSGLVPRGSHMGKPVVAIVGRPNVGKSTIFNRIAGERISIVEDTPGVTRDRIYSSAEWLNYDFNLIDTGG
IDIGDEPFLAQIRQQAEIAMDEADVIIFMVNGREGVTAADEEVAKILYRTKKPVVLAVNKLDNTEMRANIYDFYSLGFGE
PYPISGTHGLGLGDLLDAVAEHFKNIPETKYNEEVIQFCLIGRPNVGKSSLVNAMLGEERVIVSNVAGTTRDAVDTSFTY
NQQEFVIVDTAGMRKKGKVYETTEKYSVLRALKAIDRSEVVAVVLDGEEGIIEQDKRIAGYAHEAGKAVVIVVNKWDAVD
KDESTMKEFEENIRDHFQFLDYAPILFMSALTKKRIHTLMPAIIKASENHSLRVQTNVLNDVIMDAVAMNPTPTHNGSRL
KIYYATQVSVKPPSFVVFVNDPELMHFSYERFLENRIRDAFGFEGTPIKIFARARK
;
_entity_poly.pdbx_strand_id   A
#
loop_
_chem_comp.id
_chem_comp.type
_chem_comp.name
_chem_comp.formula
GCP non-polymer 'PHOSPHOMETHYLPHOSPHONIC ACID GUANYLATE ESTER' 'C11 H18 N5 O13 P3'
#
# COMPACT_ATOMS: atom_id res chain seq x y z
N LYS A 23 -21.87 9.43 3.20
CA LYS A 23 -20.67 10.15 3.70
C LYS A 23 -19.50 10.00 2.73
N PRO A 24 -19.17 8.76 2.31
CA PRO A 24 -18.11 8.60 1.28
C PRO A 24 -18.44 9.33 -0.04
N VAL A 25 -17.39 9.78 -0.72
CA VAL A 25 -17.50 10.57 -1.95
C VAL A 25 -16.82 9.84 -3.12
N VAL A 26 -17.51 9.77 -4.26
CA VAL A 26 -17.03 9.02 -5.41
C VAL A 26 -16.87 10.02 -6.56
N ALA A 27 -15.74 9.98 -7.27
CA ALA A 27 -15.59 10.76 -8.53
C ALA A 27 -15.32 9.91 -9.77
N ILE A 28 -15.84 10.36 -10.89
CA ILE A 28 -15.61 9.73 -12.19
C ILE A 28 -14.60 10.53 -13.01
N VAL A 29 -13.49 9.88 -13.35
CA VAL A 29 -12.42 10.53 -14.09
C VAL A 29 -12.16 9.78 -15.39
N GLY A 30 -12.03 10.54 -16.47
CA GLY A 30 -11.64 10.00 -17.78
C GLY A 30 -11.49 11.09 -18.82
N ARG A 31 -10.98 10.73 -19.99
CA ARG A 31 -10.81 11.70 -21.08
C ARG A 31 -12.20 11.99 -21.63
N PRO A 32 -12.34 12.95 -22.58
CA PRO A 32 -13.68 13.25 -23.07
C PRO A 32 -14.19 12.19 -24.03
N ASN A 33 -15.52 12.15 -24.22
CA ASN A 33 -16.21 11.17 -25.07
C ASN A 33 -15.98 9.69 -24.70
N VAL A 34 -16.13 9.38 -23.40
CA VAL A 34 -16.03 7.99 -22.90
C VAL A 34 -17.35 7.51 -22.28
N GLY A 35 -18.20 8.45 -21.88
CA GLY A 35 -19.52 8.15 -21.35
C GLY A 35 -19.72 8.54 -19.91
N LYS A 36 -18.86 9.43 -19.41
CA LYS A 36 -18.89 9.86 -17.99
C LYS A 36 -20.27 10.37 -17.58
N SER A 37 -20.84 11.26 -18.40
CA SER A 37 -22.14 11.88 -18.12
C SER A 37 -23.30 10.89 -18.05
N THR A 38 -23.32 9.89 -18.93
CA THR A 38 -24.35 8.86 -18.88
C THR A 38 -24.32 8.11 -17.55
N ILE A 39 -23.19 7.48 -17.25
CA ILE A 39 -22.96 6.72 -15.99
C ILE A 39 -23.19 7.58 -14.75
N PHE A 40 -22.60 8.77 -14.74
CA PHE A 40 -22.79 9.73 -13.65
C PHE A 40 -24.28 10.07 -13.41
N ASN A 41 -25.00 10.44 -14.48
CA ASN A 41 -26.45 10.76 -14.37
C ASN A 41 -27.27 9.60 -13.88
N ARG A 42 -26.89 8.41 -14.33
CA ARG A 42 -27.41 7.15 -13.82
C ARG A 42 -27.22 6.94 -12.32
N ILE A 43 -26.03 7.22 -11.77
CA ILE A 43 -25.81 6.97 -10.33
C ILE A 43 -26.13 8.17 -9.43
N ALA A 44 -26.14 9.36 -10.01
CA ALA A 44 -26.53 10.58 -9.29
C ALA A 44 -28.03 10.62 -9.00
N GLY A 45 -28.36 10.89 -7.73
CA GLY A 45 -29.71 11.25 -7.35
C GLY A 45 -29.83 12.76 -7.48
N GLU A 46 -29.87 13.46 -6.35
CA GLU A 46 -30.06 14.89 -6.34
C GLU A 46 -28.91 15.65 -5.74
N ARG A 47 -28.70 16.87 -6.22
CA ARG A 47 -27.65 17.77 -5.75
C ARG A 47 -27.94 18.09 -4.30
N ILE A 48 -26.90 18.30 -3.50
CA ILE A 48 -27.12 18.78 -2.12
C ILE A 48 -26.65 20.23 -2.01
N SER A 49 -27.41 21.04 -1.25
CA SER A 49 -27.04 22.43 -0.91
C SER A 49 -27.84 22.96 0.28
N ARG A 61 -19.60 20.36 -8.06
CA ARG A 61 -20.77 20.30 -7.18
C ARG A 61 -21.20 18.88 -6.78
N ILE A 62 -21.89 18.77 -5.64
CA ILE A 62 -22.09 17.50 -5.00
C ILE A 62 -23.49 16.95 -5.19
N TYR A 63 -23.57 15.69 -5.62
CA TYR A 63 -24.84 14.97 -5.74
C TYR A 63 -24.82 13.77 -4.84
N SER A 64 -25.95 13.43 -4.23
CA SER A 64 -26.04 12.16 -3.53
C SER A 64 -26.42 11.04 -4.52
N SER A 65 -26.31 9.80 -4.08
CA SER A 65 -26.57 8.68 -4.95
C SER A 65 -28.07 8.42 -5.11
N ALA A 66 -28.40 7.71 -6.18
CA ALA A 66 -29.78 7.44 -6.56
C ALA A 66 -30.47 6.47 -5.61
N GLU A 67 -31.80 6.45 -5.70
CA GLU A 67 -32.68 5.64 -4.84
C GLU A 67 -32.56 4.16 -5.14
N TRP A 68 -32.39 3.83 -6.40
CA TRP A 68 -32.33 2.44 -6.77
C TRP A 68 -31.13 1.71 -6.23
N LEU A 69 -30.07 2.46 -5.94
CA LEU A 69 -28.86 1.88 -5.36
C LEU A 69 -29.07 1.43 -3.92
N ASN A 70 -28.73 0.18 -3.64
CA ASN A 70 -28.71 -0.32 -2.27
C ASN A 70 -27.40 0.13 -1.59
N TYR A 71 -27.04 1.39 -1.79
CA TYR A 71 -25.77 1.99 -1.41
C TYR A 71 -25.91 3.49 -1.15
N ASP A 72 -25.32 3.95 -0.06
CA ASP A 72 -25.41 5.36 0.34
C ASP A 72 -24.05 6.10 0.16
N PHE A 73 -24.00 7.06 -0.76
CA PHE A 73 -22.81 7.89 -0.97
C PHE A 73 -23.08 9.19 -1.76
N ASN A 74 -22.05 10.02 -1.88
CA ASN A 74 -22.15 11.26 -2.66
C ASN A 74 -21.27 11.19 -3.91
N LEU A 75 -21.69 11.86 -4.97
CA LEU A 75 -20.90 12.03 -6.16
C LEU A 75 -20.40 13.46 -6.23
N ILE A 76 -19.27 13.67 -6.90
CA ILE A 76 -18.80 15.01 -7.20
C ILE A 76 -18.56 15.16 -8.70
N ASP A 77 -19.22 16.14 -9.31
CA ASP A 77 -19.01 16.48 -10.72
C ASP A 77 -17.70 17.22 -10.88
N THR A 78 -16.89 16.79 -11.84
CA THR A 78 -15.56 17.38 -12.04
C THR A 78 -15.25 17.83 -13.49
N GLY A 79 -16.25 17.74 -14.38
CA GLY A 79 -16.11 17.96 -15.83
C GLY A 79 -15.34 19.17 -16.35
N GLY A 80 -16.07 20.19 -16.79
CA GLY A 80 -15.48 21.41 -17.36
C GLY A 80 -14.81 22.31 -16.34
N PRO A 87 -5.97 23.45 -24.74
CA PRO A 87 -5.16 22.25 -24.61
C PRO A 87 -5.97 21.03 -24.14
N PHE A 88 -5.41 19.84 -24.37
CA PHE A 88 -6.10 18.56 -24.11
C PHE A 88 -5.68 17.94 -22.77
N LEU A 89 -4.37 17.81 -22.54
CA LEU A 89 -3.79 17.30 -21.28
C LEU A 89 -4.03 18.20 -20.06
N ALA A 90 -4.32 19.47 -20.31
CA ALA A 90 -4.44 20.46 -19.26
C ALA A 90 -5.82 20.47 -18.60
N GLN A 91 -6.85 20.09 -19.34
CA GLN A 91 -8.22 20.04 -18.82
C GLN A 91 -8.46 18.74 -18.02
N ILE A 92 -7.86 17.65 -18.51
CA ILE A 92 -7.84 16.38 -17.80
C ILE A 92 -7.00 16.54 -16.52
N ARG A 93 -5.91 17.28 -16.61
CA ARG A 93 -5.07 17.61 -15.46
C ARG A 93 -5.91 18.19 -14.33
N GLN A 94 -6.79 19.13 -14.67
CA GLN A 94 -7.68 19.79 -13.73
C GLN A 94 -8.65 18.84 -13.04
N GLN A 95 -9.29 17.99 -13.85
CA GLN A 95 -10.27 17.02 -13.36
C GLN A 95 -9.70 16.06 -12.33
N ALA A 96 -8.60 15.38 -12.71
CA ALA A 96 -8.00 14.34 -11.89
C ALA A 96 -7.48 14.92 -10.60
N GLU A 97 -6.91 16.13 -10.68
CA GLU A 97 -6.44 16.87 -9.53
C GLU A 97 -7.60 17.04 -8.57
N ILE A 98 -8.68 17.63 -9.08
CA ILE A 98 -9.87 17.86 -8.27
C ILE A 98 -10.40 16.61 -7.60
N ALA A 99 -10.42 15.49 -8.35
CA ALA A 99 -10.89 14.21 -7.81
C ALA A 99 -9.99 13.77 -6.67
N MET A 100 -8.68 13.76 -6.91
CA MET A 100 -7.70 13.29 -5.94
C MET A 100 -7.79 14.01 -4.60
N ASP A 101 -8.18 15.28 -4.62
CA ASP A 101 -8.38 16.02 -3.38
C ASP A 101 -9.71 15.72 -2.73
N GLU A 102 -10.80 15.79 -3.52
CA GLU A 102 -12.14 15.78 -2.96
C GLU A 102 -12.68 14.37 -2.75
N ALA A 103 -12.44 13.50 -3.72
CA ALA A 103 -12.99 12.14 -3.67
C ALA A 103 -12.21 11.21 -2.74
N ASP A 104 -12.89 10.15 -2.31
CA ASP A 104 -12.33 9.04 -1.55
C ASP A 104 -12.06 7.82 -2.43
N VAL A 105 -12.94 7.59 -3.40
CA VAL A 105 -12.81 6.51 -4.36
C VAL A 105 -13.05 7.13 -5.72
N ILE A 106 -12.19 6.76 -6.66
CA ILE A 106 -12.20 7.31 -8.00
C ILE A 106 -12.48 6.17 -8.97
N ILE A 107 -13.46 6.40 -9.86
CA ILE A 107 -13.70 5.51 -10.97
C ILE A 107 -12.96 6.09 -12.16
N PHE A 108 -12.15 5.27 -12.81
CA PHE A 108 -11.38 5.71 -13.98
C PHE A 108 -12.03 5.11 -15.20
N MET A 109 -12.51 5.98 -16.09
CA MET A 109 -13.30 5.51 -17.21
C MET A 109 -12.55 5.56 -18.55
N VAL A 110 -12.49 4.42 -19.21
CA VAL A 110 -11.95 4.33 -20.58
C VAL A 110 -13.05 3.86 -21.56
N ASN A 111 -12.74 3.81 -22.86
CA ASN A 111 -13.74 3.45 -23.87
C ASN A 111 -13.44 2.11 -24.52
N GLY A 112 -14.32 1.13 -24.30
CA GLY A 112 -14.14 -0.22 -24.81
C GLY A 112 -14.01 -0.33 -26.32
N ARG A 113 -14.97 0.22 -27.05
CA ARG A 113 -15.00 0.16 -28.52
C ARG A 113 -13.71 0.69 -29.15
N GLU A 114 -13.16 1.76 -28.59
CA GLU A 114 -11.85 2.26 -29.00
C GLU A 114 -10.74 1.34 -28.46
N GLY A 115 -10.52 1.39 -27.16
CA GLY A 115 -9.51 0.57 -26.50
C GLY A 115 -8.56 1.44 -25.70
N VAL A 116 -7.37 0.94 -25.47
CA VAL A 116 -6.37 1.70 -24.75
C VAL A 116 -5.73 2.71 -25.70
N THR A 117 -6.23 3.94 -25.67
CA THR A 117 -5.63 5.02 -26.47
C THR A 117 -4.51 5.64 -25.66
N ALA A 118 -3.54 6.24 -26.34
CA ALA A 118 -2.44 6.94 -25.68
C ALA A 118 -2.99 8.06 -24.79
N ALA A 119 -4.17 8.58 -25.17
CA ALA A 119 -4.89 9.56 -24.35
C ALA A 119 -5.33 8.96 -23.02
N ASP A 120 -5.68 7.68 -23.01
CA ASP A 120 -6.00 6.99 -21.76
C ASP A 120 -4.74 6.81 -20.92
N GLU A 121 -3.64 6.43 -21.59
CA GLU A 121 -2.35 6.20 -20.96
C GLU A 121 -1.82 7.43 -20.23
N GLU A 122 -2.22 8.62 -20.70
CA GLU A 122 -1.81 9.87 -20.05
C GLU A 122 -2.57 10.08 -18.76
N VAL A 123 -3.89 9.92 -18.80
CA VAL A 123 -4.74 10.08 -17.61
C VAL A 123 -4.26 9.12 -16.53
N ALA A 124 -3.98 7.88 -16.95
CA ALA A 124 -3.41 6.86 -16.09
C ALA A 124 -2.19 7.43 -15.35
N LYS A 125 -1.23 7.93 -16.11
CA LYS A 125 -0.02 8.50 -15.53
C LYS A 125 -0.36 9.53 -14.47
N ILE A 126 -1.32 10.39 -14.73
CA ILE A 126 -1.74 11.36 -13.70
C ILE A 126 -2.18 10.66 -12.39
N LEU A 127 -2.98 9.61 -12.51
CA LEU A 127 -3.63 9.01 -11.33
C LEU A 127 -2.65 8.21 -10.47
N TYR A 128 -1.51 7.84 -11.06
CA TYR A 128 -0.43 7.21 -10.32
C TYR A 128 -0.03 8.10 -9.13
N ARG A 129 -0.40 9.39 -9.21
CA ARG A 129 -0.03 10.36 -8.20
C ARG A 129 -0.81 10.26 -6.89
N THR A 130 -1.62 9.22 -6.72
CA THR A 130 -2.48 9.17 -5.53
C THR A 130 -2.44 7.81 -4.80
N LYS A 131 -2.58 7.85 -3.48
CA LYS A 131 -2.71 6.63 -2.68
C LYS A 131 -4.18 6.26 -2.44
N LYS A 132 -5.09 7.11 -2.94
CA LYS A 132 -6.53 6.87 -2.87
C LYS A 132 -6.95 5.84 -3.92
N PRO A 133 -7.99 5.03 -3.63
CA PRO A 133 -8.37 3.90 -4.46
C PRO A 133 -9.03 4.27 -5.80
N VAL A 134 -8.57 3.61 -6.85
CA VAL A 134 -9.03 3.82 -8.21
C VAL A 134 -9.59 2.48 -8.71
N VAL A 135 -10.83 2.48 -9.18
CA VAL A 135 -11.41 1.32 -9.84
C VAL A 135 -11.62 1.62 -11.34
N LEU A 136 -11.19 0.69 -12.19
CA LEU A 136 -11.19 0.90 -13.64
C LEU A 136 -12.50 0.46 -14.27
N ALA A 137 -13.17 1.37 -14.97
CA ALA A 137 -14.40 1.03 -15.67
C ALA A 137 -14.24 1.08 -17.19
N VAL A 138 -14.69 0.02 -17.84
CA VAL A 138 -14.64 -0.03 -19.30
C VAL A 138 -16.04 0.13 -19.91
N ASN A 139 -16.30 1.32 -20.47
CA ASN A 139 -17.63 1.62 -21.01
C ASN A 139 -17.87 1.05 -22.40
N LYS A 140 -19.16 0.96 -22.76
CA LYS A 140 -19.62 0.48 -24.08
C LYS A 140 -19.09 -0.92 -24.46
N LEU A 141 -19.36 -1.90 -23.59
CA LEU A 141 -18.97 -3.29 -23.82
C LEU A 141 -20.15 -4.28 -23.73
N TYR A 151 -8.15 -6.64 -23.57
CA TYR A 151 -7.92 -7.32 -22.29
C TYR A 151 -6.63 -6.85 -21.66
N ASP A 152 -6.03 -5.83 -22.26
CA ASP A 152 -4.83 -5.24 -21.69
C ASP A 152 -5.14 -3.81 -21.26
N PHE A 153 -6.26 -3.74 -20.54
CA PHE A 153 -6.60 -2.67 -19.63
C PHE A 153 -5.94 -2.98 -18.30
N TYR A 154 -5.63 -4.26 -18.09
CA TYR A 154 -4.72 -4.65 -17.02
C TYR A 154 -3.41 -3.87 -17.21
N SER A 155 -3.03 -3.67 -18.48
CA SER A 155 -1.89 -2.84 -18.87
C SER A 155 -2.27 -1.36 -18.88
N LEU A 156 -2.80 -0.93 -17.74
CA LEU A 156 -3.02 0.45 -17.40
C LEU A 156 -2.69 0.54 -15.94
N GLY A 157 -2.51 -0.63 -15.33
CA GLY A 157 -2.02 -0.74 -13.97
C GLY A 157 -2.98 -0.57 -12.81
N PHE A 158 -4.30 -0.67 -13.05
CA PHE A 158 -5.26 -0.55 -11.92
C PHE A 158 -5.99 -1.85 -11.60
N GLY A 159 -5.55 -2.93 -12.22
CA GLY A 159 -6.08 -4.23 -11.86
C GLY A 159 -7.25 -4.60 -12.72
N GLU A 160 -8.18 -5.36 -12.13
CA GLU A 160 -9.36 -5.85 -12.85
C GLU A 160 -10.19 -4.70 -13.48
N PRO A 161 -10.43 -4.79 -14.79
CA PRO A 161 -11.29 -3.87 -15.54
C PRO A 161 -12.77 -4.29 -15.45
N TYR A 162 -13.64 -3.35 -15.08
CA TYR A 162 -15.04 -3.67 -14.94
C TYR A 162 -15.82 -3.22 -16.15
N PRO A 163 -16.24 -4.19 -16.98
CA PRO A 163 -16.98 -3.82 -18.17
C PRO A 163 -18.37 -3.30 -17.79
N ILE A 164 -18.75 -2.18 -18.37
CA ILE A 164 -20.11 -1.70 -18.23
C ILE A 164 -20.69 -1.25 -19.58
N SER A 165 -22.00 -1.08 -19.65
CA SER A 165 -22.66 -0.40 -20.78
C SER A 165 -23.78 0.49 -20.23
N GLY A 166 -23.59 1.80 -20.33
CA GLY A 166 -24.56 2.78 -19.82
C GLY A 166 -25.88 2.75 -20.56
N THR A 167 -26.16 1.60 -21.19
CA THR A 167 -27.39 1.33 -21.93
C THR A 167 -28.42 0.76 -20.97
N HIS A 168 -28.41 -0.55 -20.76
CA HIS A 168 -29.30 -1.09 -19.75
C HIS A 168 -28.55 -1.45 -18.49
N GLY A 169 -27.56 -0.62 -18.19
CA GLY A 169 -26.77 -0.67 -16.97
C GLY A 169 -26.10 -1.99 -16.65
N LEU A 170 -25.67 -2.73 -17.68
CA LEU A 170 -25.05 -4.03 -17.49
C LEU A 170 -23.62 -3.92 -16.92
N GLY A 171 -23.35 -4.68 -15.87
CA GLY A 171 -22.07 -4.57 -15.23
C GLY A 171 -21.97 -3.56 -14.11
N LEU A 172 -23.02 -2.77 -13.88
CA LEU A 172 -22.99 -1.70 -12.89
C LEU A 172 -22.94 -2.18 -11.46
N GLY A 173 -23.58 -3.31 -11.20
CA GLY A 173 -23.63 -3.92 -9.87
C GLY A 173 -22.27 -4.38 -9.41
N ASP A 174 -21.47 -4.91 -10.33
CA ASP A 174 -20.11 -5.36 -9.99
C ASP A 174 -19.22 -4.15 -9.73
N LEU A 175 -19.29 -3.16 -10.64
CA LEU A 175 -18.60 -1.90 -10.47
C LEU A 175 -18.85 -1.31 -9.09
N LEU A 176 -20.11 -1.22 -8.67
CA LEU A 176 -20.41 -0.57 -7.38
C LEU A 176 -19.95 -1.38 -6.17
N ASP A 177 -19.96 -2.71 -6.26
CA ASP A 177 -19.36 -3.51 -5.21
C ASP A 177 -17.87 -3.24 -5.05
N ALA A 178 -17.14 -3.19 -6.17
CA ALA A 178 -15.73 -2.83 -6.09
C ALA A 178 -15.55 -1.45 -5.46
N VAL A 179 -16.29 -0.45 -5.92
CA VAL A 179 -16.23 0.92 -5.38
C VAL A 179 -16.56 0.95 -3.90
N ALA A 180 -17.69 0.34 -3.50
CA ALA A 180 -18.15 0.34 -2.11
C ALA A 180 -17.23 -0.40 -1.15
N GLU A 181 -16.57 -1.46 -1.64
CA GLU A 181 -15.68 -2.27 -0.82
C GLU A 181 -14.59 -1.42 -0.16
N HIS A 182 -14.22 -0.31 -0.79
CA HIS A 182 -13.21 0.58 -0.22
C HIS A 182 -13.71 1.49 0.87
N PHE A 183 -15.02 1.62 1.05
CA PHE A 183 -15.57 2.61 2.00
C PHE A 183 -15.16 2.42 3.44
N LYS A 184 -14.96 1.17 3.85
CA LYS A 184 -14.49 0.89 5.21
C LYS A 184 -13.05 1.34 5.50
N ASN A 185 -12.16 1.28 4.50
CA ASN A 185 -10.77 1.71 4.69
C ASN A 185 -10.57 3.22 4.56
N ILE A 186 -11.66 3.98 4.45
CA ILE A 186 -11.57 5.45 4.34
C ILE A 186 -11.01 6.10 5.61
N PRO A 187 -9.82 6.72 5.51
CA PRO A 187 -9.21 7.20 6.76
C PRO A 187 -10.08 8.22 7.50
N GLU A 188 -10.14 8.12 8.83
CA GLU A 188 -10.77 9.14 9.70
C GLU A 188 -9.95 10.43 9.85
N THR A 189 -8.65 10.31 10.10
CA THR A 189 -7.74 11.47 10.11
C THR A 189 -7.11 11.54 8.73
N LYS A 190 -7.32 12.65 8.03
CA LYS A 190 -6.89 12.75 6.65
C LYS A 190 -5.74 13.73 6.49
N TYR A 191 -4.67 13.26 5.85
CA TYR A 191 -3.50 14.10 5.66
C TYR A 191 -3.26 14.38 4.19
N ASN A 192 -2.41 15.37 3.93
CA ASN A 192 -1.94 15.66 2.59
C ASN A 192 -1.30 14.40 1.98
N GLU A 193 -1.41 14.22 0.67
CA GLU A 193 -0.85 13.03 0.00
C GLU A 193 0.71 12.92 0.07
N GLU A 194 1.42 14.04 0.01
CA GLU A 194 2.88 14.07 0.17
C GLU A 194 3.38 13.53 1.54
N VAL A 195 2.58 13.65 2.59
CA VAL A 195 2.92 13.11 3.92
C VAL A 195 3.20 11.60 3.93
N ILE A 196 4.29 11.19 4.55
CA ILE A 196 4.59 9.77 4.73
C ILE A 196 4.25 9.45 6.17
N GLN A 197 3.37 8.47 6.35
CA GLN A 197 2.87 8.08 7.65
C GLN A 197 3.49 6.76 8.11
N PHE A 198 3.95 6.73 9.36
CA PHE A 198 4.51 5.51 9.91
C PHE A 198 4.24 5.39 11.40
N CYS A 199 4.40 4.18 11.94
CA CYS A 199 4.26 3.92 13.37
C CYS A 199 5.41 3.07 13.91
N LEU A 200 5.65 3.17 15.22
CA LEU A 200 6.56 2.26 15.89
C LEU A 200 5.74 1.36 16.79
N ILE A 201 5.96 0.05 16.67
CA ILE A 201 5.28 -0.89 17.55
C ILE A 201 6.28 -1.85 18.18
N GLY A 202 5.99 -2.29 19.40
CA GLY A 202 6.83 -3.19 20.17
C GLY A 202 6.37 -3.19 21.62
N ARG A 203 6.80 -4.19 22.38
CA ARG A 203 6.27 -4.46 23.72
C ARG A 203 6.58 -3.34 24.74
N PRO A 204 5.90 -3.38 25.91
CA PRO A 204 6.17 -2.37 26.94
C PRO A 204 7.66 -2.15 27.23
N ASN A 205 8.06 -0.89 27.25
CA ASN A 205 9.40 -0.48 27.69
C ASN A 205 10.57 -0.79 26.72
N VAL A 206 10.28 -1.07 25.44
CA VAL A 206 11.35 -1.24 24.43
C VAL A 206 12.07 0.04 24.11
N GLY A 207 11.41 1.18 24.34
CA GLY A 207 12.04 2.46 24.06
C GLY A 207 11.48 3.21 22.89
N LYS A 208 10.25 2.87 22.50
CA LYS A 208 9.47 3.63 21.51
C LYS A 208 9.57 5.17 21.67
N SER A 209 9.11 5.70 22.80
CA SER A 209 9.20 7.14 23.07
C SER A 209 10.63 7.65 22.97
N SER A 210 11.56 6.92 23.56
CA SER A 210 12.95 7.29 23.51
C SER A 210 13.51 7.30 22.09
N LEU A 211 13.17 6.30 21.27
CA LEU A 211 13.60 6.32 19.85
C LEU A 211 13.05 7.52 19.10
N VAL A 212 11.82 7.89 19.40
CA VAL A 212 11.18 9.05 18.82
C VAL A 212 11.95 10.31 19.20
N ASN A 213 12.27 10.41 20.48
CA ASN A 213 12.94 11.60 21.01
C ASN A 213 14.24 11.82 20.29
N ALA A 214 15.01 10.73 20.24
CA ALA A 214 16.32 10.67 19.63
C ALA A 214 16.28 10.98 18.14
N MET A 215 15.23 10.53 17.46
CA MET A 215 15.06 10.79 16.03
C MET A 215 14.86 12.27 15.80
N LEU A 216 13.95 12.87 16.58
CA LEU A 216 13.56 14.29 16.49
C LEU A 216 14.64 15.30 16.94
N GLY A 217 15.72 14.81 17.56
CA GLY A 217 16.82 15.69 17.96
C GLY A 217 17.90 15.94 16.91
N GLU A 218 17.79 15.29 15.75
CA GLU A 218 18.79 15.43 14.69
C GLU A 218 18.70 16.81 14.09
N GLU A 219 19.81 17.31 13.56
CA GLU A 219 19.84 18.63 12.89
C GLU A 219 18.90 18.66 11.70
N ARG A 220 18.76 17.53 11.00
CA ARG A 220 17.94 17.42 9.79
C ARG A 220 16.39 17.54 10.00
N VAL A 221 15.93 17.46 11.25
CA VAL A 221 14.51 17.48 11.58
C VAL A 221 14.01 18.84 12.06
N ILE A 222 12.84 19.23 11.59
CA ILE A 222 12.09 20.36 12.16
C ILE A 222 10.72 19.87 12.58
N VAL A 223 10.49 19.81 13.88
CA VAL A 223 9.21 19.37 14.42
C VAL A 223 8.19 20.49 14.29
N SER A 224 6.97 20.15 13.89
CA SER A 224 5.87 21.11 13.77
C SER A 224 5.34 21.54 15.14
N ASN A 225 4.95 22.81 15.25
CA ASN A 225 4.50 23.43 16.50
C ASN A 225 5.52 23.37 17.64
N ASP A 232 -6.34 15.99 15.71
CA ASP A 232 -6.00 14.86 16.58
C ASP A 232 -4.70 15.06 17.37
N ALA A 233 -4.83 15.22 18.68
CA ALA A 233 -3.69 15.28 19.59
C ALA A 233 -3.17 13.87 19.85
N VAL A 234 -2.95 13.10 18.78
CA VAL A 234 -2.38 11.75 18.89
C VAL A 234 -1.16 11.59 17.99
N ASP A 235 -1.13 12.32 16.89
CA ASP A 235 -0.07 12.20 15.91
C ASP A 235 1.05 13.25 16.09
N THR A 236 2.29 12.91 15.72
CA THR A 236 3.35 13.91 15.66
C THR A 236 3.77 14.18 14.20
N SER A 237 3.80 15.46 13.80
CA SER A 237 4.27 15.88 12.48
C SER A 237 5.63 16.50 12.56
N PHE A 238 6.42 16.31 11.52
CA PHE A 238 7.75 16.90 11.40
C PHE A 238 8.19 16.80 9.96
N THR A 239 9.21 17.57 9.59
CA THR A 239 9.88 17.37 8.32
C THR A 239 11.30 16.84 8.54
N TYR A 240 11.84 16.13 7.56
CA TYR A 240 13.21 15.59 7.61
C TYR A 240 13.71 15.76 6.19
N ASN A 241 14.84 16.48 6.09
CA ASN A 241 15.30 17.01 4.81
C ASN A 241 14.14 17.70 4.10
N GLN A 242 13.32 18.39 4.89
CA GLN A 242 12.12 19.12 4.40
C GLN A 242 11.00 18.26 3.77
N GLN A 243 11.07 16.95 3.94
CA GLN A 243 9.97 16.05 3.57
C GLN A 243 9.04 15.86 4.79
N GLU A 244 7.74 15.86 4.55
CA GLU A 244 6.74 15.76 5.64
C GLU A 244 6.49 14.33 6.12
N PHE A 245 6.49 14.15 7.44
CA PHE A 245 6.12 12.86 8.05
C PHE A 245 5.08 13.05 9.15
N VAL A 246 4.34 11.99 9.41
CA VAL A 246 3.51 11.91 10.61
C VAL A 246 3.83 10.58 11.26
N ILE A 247 4.23 10.62 12.54
CA ILE A 247 4.23 9.39 13.37
C ILE A 247 2.80 9.15 13.91
N VAL A 248 2.18 8.07 13.49
CA VAL A 248 0.85 7.74 13.96
C VAL A 248 0.83 7.43 15.46
N ASP A 249 -0.07 8.09 16.20
CA ASP A 249 -0.41 7.70 17.59
C ASP A 249 0.78 7.68 18.54
N THR A 250 1.54 8.77 18.57
CA THR A 250 2.56 8.98 19.60
C THR A 250 1.92 9.05 21.01
N ALA A 251 0.73 9.65 21.12
CA ALA A 251 -0.02 9.67 22.40
C ALA A 251 -0.11 8.26 23.04
N GLY A 252 -0.47 7.26 22.25
CA GLY A 252 -0.60 5.91 22.77
C GLY A 252 0.68 5.36 23.39
N MET A 253 1.82 5.79 22.88
CA MET A 253 3.11 5.44 23.47
C MET A 253 3.32 6.11 24.83
N ARG A 254 2.74 7.30 25.00
CA ARG A 254 2.88 8.12 26.22
C ARG A 254 1.70 7.88 27.20
N LYS A 255 1.21 6.65 27.24
CA LYS A 255 -0.08 6.35 27.90
C LYS A 255 0.00 6.38 29.42
N LYS A 256 0.79 5.47 30.01
CA LYS A 256 0.99 5.46 31.46
C LYS A 256 1.63 6.79 31.91
N GLY A 257 1.34 7.20 33.14
CA GLY A 257 1.63 8.56 33.54
C GLY A 257 0.33 9.33 33.65
N LYS A 258 -0.71 8.79 33.01
CA LYS A 258 -2.10 9.22 33.26
C LYS A 258 -2.96 8.00 33.63
N VAL A 259 -2.49 6.81 33.28
CA VAL A 259 -3.29 5.58 33.36
C VAL A 259 -2.44 4.36 33.73
N TYR A 260 -2.99 3.49 34.57
CA TYR A 260 -2.38 2.19 34.82
C TYR A 260 -2.72 1.23 33.70
N GLU A 261 -1.71 0.71 33.02
CA GLU A 261 -1.91 -0.43 32.14
C GLU A 261 -2.11 -1.61 33.08
N THR A 262 -3.18 -2.37 32.89
CA THR A 262 -3.54 -3.48 33.80
C THR A 262 -3.64 -4.80 33.05
N THR A 263 -3.84 -4.70 31.74
CA THR A 263 -3.76 -5.80 30.78
C THR A 263 -3.15 -5.26 29.48
N GLU A 264 -2.65 -6.13 28.63
CA GLU A 264 -2.07 -5.69 27.38
C GLU A 264 -3.13 -5.63 26.27
N LYS A 265 -4.23 -6.34 26.45
CA LYS A 265 -5.16 -6.62 25.36
C LYS A 265 -5.70 -5.39 24.63
N TYR A 266 -5.86 -4.28 25.35
CA TYR A 266 -6.31 -3.04 24.73
C TYR A 266 -5.17 -2.33 24.05
N SER A 267 -3.98 -2.37 24.67
CA SER A 267 -2.79 -1.83 24.03
C SER A 267 -2.48 -2.51 22.69
N VAL A 268 -2.65 -3.83 22.65
CA VAL A 268 -2.51 -4.57 21.41
C VAL A 268 -3.48 -4.02 20.36
N LEU A 269 -4.77 -4.06 20.67
CA LEU A 269 -5.78 -3.64 19.70
C LEU A 269 -5.60 -2.20 19.22
N ARG A 270 -5.14 -1.32 20.09
CA ARG A 270 -4.93 0.07 19.67
C ARG A 270 -3.75 0.16 18.70
N ALA A 271 -2.68 -0.58 18.97
CA ALA A 271 -1.52 -0.70 18.08
C ALA A 271 -1.90 -1.22 16.70
N LEU A 272 -2.85 -2.16 16.65
CA LEU A 272 -3.41 -2.61 15.37
C LEU A 272 -4.08 -1.50 14.56
N LYS A 273 -4.81 -0.62 15.22
CA LYS A 273 -5.39 0.56 14.53
C LYS A 273 -4.32 1.54 14.09
N ALA A 274 -3.16 1.54 14.75
CA ALA A 274 -2.12 2.47 14.34
C ALA A 274 -1.45 1.94 13.05
N ILE A 275 -1.30 0.62 12.95
CA ILE A 275 -0.78 0.03 11.75
C ILE A 275 -1.72 0.31 10.58
N ASP A 276 -3.00 -0.03 10.74
CA ASP A 276 -4.02 0.26 9.71
C ASP A 276 -3.85 1.69 9.16
N ARG A 277 -3.47 2.62 10.04
CA ARG A 277 -3.30 4.00 9.66
C ARG A 277 -1.94 4.30 8.97
N SER A 278 -0.95 3.45 9.19
CA SER A 278 0.41 3.66 8.62
C SER A 278 0.61 2.97 7.26
N GLU A 279 1.67 3.37 6.59
CA GLU A 279 2.16 2.72 5.39
C GLU A 279 3.49 1.99 5.68
N VAL A 280 4.27 2.46 6.65
CA VAL A 280 5.48 1.80 7.11
C VAL A 280 5.38 1.51 8.61
N VAL A 281 5.74 0.30 9.03
CA VAL A 281 5.68 -0.09 10.43
C VAL A 281 7.07 -0.43 10.90
N ALA A 282 7.60 0.33 11.86
CA ALA A 282 8.86 -0.06 12.51
C ALA A 282 8.58 -1.04 13.66
N VAL A 283 9.02 -2.28 13.49
CA VAL A 283 8.88 -3.31 14.54
C VAL A 283 10.10 -3.13 15.45
N VAL A 284 9.87 -2.79 16.70
CA VAL A 284 11.04 -2.53 17.57
C VAL A 284 11.24 -3.61 18.63
N LEU A 285 12.40 -4.24 18.57
CA LEU A 285 12.74 -5.34 19.46
C LEU A 285 13.73 -4.92 20.53
N ASP A 286 13.62 -5.54 21.69
CA ASP A 286 14.53 -5.24 22.77
C ASP A 286 15.75 -6.14 22.60
N GLY A 287 16.91 -5.52 22.41
CA GLY A 287 18.14 -6.26 22.19
C GLY A 287 18.60 -6.98 23.45
N GLU A 288 18.22 -6.42 24.60
CA GLU A 288 18.62 -6.95 25.91
C GLU A 288 17.78 -8.15 26.33
N GLU A 289 16.46 -8.02 26.30
CA GLU A 289 15.56 -9.10 26.71
C GLU A 289 15.16 -10.11 25.61
N GLY A 290 15.57 -9.87 24.37
CA GLY A 290 15.23 -10.76 23.26
C GLY A 290 13.81 -10.69 22.71
N ILE A 291 13.40 -11.78 22.07
CA ILE A 291 12.17 -11.87 21.28
C ILE A 291 11.11 -12.66 22.04
N ILE A 292 9.85 -12.21 21.98
CA ILE A 292 8.74 -12.93 22.64
C ILE A 292 7.55 -13.21 21.69
N GLU A 293 6.54 -13.90 22.19
CA GLU A 293 5.41 -14.38 21.37
C GLU A 293 4.55 -13.23 20.79
N GLN A 294 4.26 -12.26 21.64
CA GLN A 294 3.50 -11.08 21.27
C GLN A 294 4.14 -10.32 20.10
N ASP A 295 5.48 -10.33 20.03
CA ASP A 295 6.24 -9.69 18.95
C ASP A 295 5.88 -10.27 17.58
N LYS A 296 5.78 -11.60 17.50
CA LYS A 296 5.50 -12.28 16.24
C LYS A 296 4.10 -11.90 15.75
N ARG A 297 3.14 -11.88 16.67
CA ARG A 297 1.75 -11.64 16.32
C ARG A 297 1.51 -10.28 15.68
N ILE A 298 2.02 -9.23 16.31
CA ILE A 298 1.81 -7.87 15.81
C ILE A 298 2.49 -7.67 14.44
N ALA A 299 3.76 -8.09 14.37
CA ALA A 299 4.42 -8.17 13.08
C ALA A 299 3.63 -9.02 12.08
N GLY A 300 3.09 -10.14 12.54
CA GLY A 300 2.25 -11.00 11.70
C GLY A 300 1.15 -10.19 11.03
N TYR A 301 0.45 -9.39 11.84
CA TYR A 301 -0.66 -8.55 11.39
C TYR A 301 -0.19 -7.55 10.35
N ALA A 302 0.91 -6.86 10.65
CA ALA A 302 1.50 -5.86 9.73
C ALA A 302 1.73 -6.46 8.33
N HIS A 303 2.46 -7.56 8.32
CA HIS A 303 2.68 -8.33 7.11
C HIS A 303 1.40 -8.66 6.37
N GLU A 304 0.46 -9.31 7.06
CA GLU A 304 -0.80 -9.71 6.44
C GLU A 304 -1.56 -8.50 5.94
N ALA A 305 -1.23 -7.33 6.48
CA ALA A 305 -1.88 -6.12 6.04
C ALA A 305 -1.18 -5.47 4.83
N GLY A 306 -0.03 -5.98 4.43
CA GLY A 306 0.70 -5.38 3.30
C GLY A 306 1.32 -4.00 3.57
N LYS A 307 1.90 -3.83 4.77
CA LYS A 307 2.63 -2.60 5.07
C LYS A 307 4.09 -2.85 4.80
N ALA A 308 4.84 -1.80 4.51
CA ALA A 308 6.29 -1.88 4.60
C ALA A 308 6.73 -2.10 6.05
N VAL A 309 7.83 -2.81 6.24
CA VAL A 309 8.29 -3.14 7.58
C VAL A 309 9.79 -2.92 7.71
N VAL A 310 10.18 -2.27 8.80
CA VAL A 310 11.58 -2.23 9.15
C VAL A 310 11.70 -2.78 10.58
N ILE A 311 12.66 -3.67 10.78
CA ILE A 311 12.91 -4.22 12.09
C ILE A 311 14.01 -3.44 12.80
N VAL A 312 13.67 -2.94 13.99
CA VAL A 312 14.56 -2.13 14.79
C VAL A 312 14.93 -2.86 16.10
N VAL A 313 16.22 -3.11 16.27
CA VAL A 313 16.71 -3.67 17.54
C VAL A 313 17.31 -2.56 18.40
N ASN A 314 16.56 -2.13 19.42
CA ASN A 314 17.00 -1.07 20.33
C ASN A 314 17.82 -1.65 21.50
N LYS A 315 18.40 -0.77 22.32
CA LYS A 315 19.19 -1.16 23.49
C LYS A 315 20.44 -1.92 23.10
N TRP A 316 20.97 -1.63 21.91
CA TRP A 316 22.18 -2.30 21.48
C TRP A 316 23.38 -2.03 22.39
N ASP A 317 23.35 -0.87 23.06
CA ASP A 317 24.39 -0.47 24.02
C ASP A 317 24.49 -1.42 25.22
N ALA A 318 23.38 -2.08 25.55
CA ALA A 318 23.29 -2.92 26.74
C ALA A 318 23.42 -4.41 26.41
N VAL A 319 24.27 -4.75 25.44
CA VAL A 319 24.48 -6.12 25.01
C VAL A 319 25.99 -6.28 24.86
N ASP A 320 26.53 -7.45 25.22
CA ASP A 320 27.97 -7.72 25.12
C ASP A 320 28.38 -7.93 23.68
N LYS A 321 28.87 -6.86 23.04
CA LYS A 321 29.07 -6.83 21.59
C LYS A 321 30.48 -7.10 21.08
N ASP A 322 30.60 -8.15 20.27
CA ASP A 322 31.70 -8.33 19.32
C ASP A 322 31.06 -8.59 17.97
N GLU A 323 31.83 -9.14 17.02
CA GLU A 323 31.31 -9.37 15.67
C GLU A 323 30.17 -10.40 15.68
N SER A 324 30.36 -11.46 16.46
CA SER A 324 29.43 -12.58 16.43
C SER A 324 28.01 -12.24 16.91
N THR A 325 27.87 -11.52 18.03
CA THR A 325 26.54 -11.27 18.62
C THR A 325 25.54 -10.60 17.66
N MET A 326 25.99 -9.64 16.86
CA MET A 326 25.12 -9.02 15.88
C MET A 326 24.63 -10.04 14.86
N LYS A 327 25.56 -10.86 14.36
CA LYS A 327 25.23 -11.86 13.35
C LYS A 327 24.21 -12.86 13.87
N GLU A 328 24.41 -13.33 15.10
CA GLU A 328 23.51 -14.31 15.73
C GLU A 328 22.12 -13.76 16.06
N PHE A 329 22.05 -12.46 16.38
CA PHE A 329 20.79 -11.85 16.71
C PHE A 329 19.99 -11.68 15.41
N GLU A 330 20.69 -11.28 14.35
CA GLU A 330 20.10 -11.20 13.02
C GLU A 330 19.53 -12.56 12.60
N GLU A 331 20.31 -13.63 12.76
CA GLU A 331 19.88 -14.98 12.35
C GLU A 331 18.73 -15.41 13.22
N ASN A 332 18.80 -15.04 14.48
CA ASN A 332 17.70 -15.29 15.36
C ASN A 332 16.39 -14.69 14.85
N ILE A 333 16.41 -13.43 14.40
CA ILE A 333 15.24 -12.73 13.89
C ILE A 333 14.70 -13.37 12.60
N ARG A 334 15.59 -13.75 11.70
CA ARG A 334 15.18 -14.44 10.46
C ARG A 334 14.52 -15.79 10.73
N ASP A 335 14.87 -16.41 11.86
CA ASP A 335 14.33 -17.71 12.24
C ASP A 335 12.99 -17.57 12.96
N HIS A 336 12.82 -16.52 13.75
CA HIS A 336 11.52 -16.26 14.35
C HIS A 336 10.51 -15.54 13.47
N PHE A 337 11.00 -14.68 12.55
CA PHE A 337 10.17 -13.89 11.68
C PHE A 337 10.45 -14.31 10.25
N GLN A 338 10.05 -15.53 9.92
CA GLN A 338 10.43 -16.14 8.65
C GLN A 338 9.76 -15.44 7.48
N PHE A 339 8.60 -14.84 7.77
CA PHE A 339 7.78 -14.15 6.80
C PHE A 339 8.20 -12.70 6.58
N LEU A 340 9.28 -12.27 7.22
CA LEU A 340 9.76 -10.89 7.05
C LEU A 340 11.16 -10.78 6.47
N ASP A 341 11.49 -11.60 5.47
CA ASP A 341 12.88 -11.61 4.98
C ASP A 341 13.20 -10.35 4.24
N TYR A 342 12.17 -9.72 3.67
CA TYR A 342 12.35 -8.47 2.94
C TYR A 342 12.69 -7.32 3.90
N ALA A 343 12.34 -7.45 5.19
CA ALA A 343 12.55 -6.36 6.18
C ALA A 343 14.01 -6.26 6.59
N PRO A 344 14.59 -5.06 6.46
CA PRO A 344 15.95 -4.86 6.92
C PRO A 344 16.02 -4.80 8.45
N ILE A 345 17.23 -4.97 8.99
CA ILE A 345 17.44 -4.99 10.43
C ILE A 345 18.47 -3.95 10.82
N LEU A 346 18.05 -3.08 11.73
CA LEU A 346 18.85 -1.95 12.17
C LEU A 346 19.13 -2.18 13.65
N PHE A 347 20.40 -2.21 14.01
CA PHE A 347 20.75 -2.16 15.41
C PHE A 347 21.03 -0.71 15.80
N MET A 348 20.48 -0.25 16.91
CA MET A 348 20.76 1.11 17.38
C MET A 348 20.54 1.28 18.89
N SER A 349 20.83 2.47 19.42
CA SER A 349 20.55 2.78 20.82
C SER A 349 19.94 4.17 20.99
N ALA A 350 18.70 4.23 21.49
CA ALA A 350 18.04 5.52 21.68
C ALA A 350 18.79 6.32 22.76
N LEU A 351 19.43 5.59 23.67
CA LEU A 351 20.12 6.21 24.78
C LEU A 351 21.48 6.78 24.38
N THR A 352 22.29 6.04 23.65
CA THR A 352 23.60 6.59 23.23
C THR A 352 23.56 7.32 21.88
N LYS A 353 22.43 7.19 21.17
CA LYS A 353 22.26 7.74 19.82
C LYS A 353 23.04 6.98 18.74
N LYS A 354 23.72 5.89 19.11
CA LYS A 354 24.43 5.06 18.13
C LYS A 354 23.47 4.62 17.02
N ARG A 355 23.83 5.01 15.78
CA ARG A 355 23.23 4.50 14.56
C ARG A 355 21.78 4.94 14.35
N ILE A 356 21.29 5.77 15.27
CA ILE A 356 19.96 6.34 15.20
C ILE A 356 19.69 7.17 13.94
N HIS A 357 20.73 7.75 13.36
CA HIS A 357 20.66 8.47 12.08
C HIS A 357 20.38 7.53 10.90
N THR A 358 20.42 6.22 11.13
CA THR A 358 20.02 5.29 10.06
C THR A 358 18.51 5.03 9.99
N LEU A 359 17.76 5.42 11.01
CA LEU A 359 16.34 5.08 11.04
C LEU A 359 15.54 5.73 9.92
N MET A 360 15.45 7.05 9.87
CA MET A 360 14.71 7.79 8.81
C MET A 360 15.11 7.44 7.37
N PRO A 361 16.43 7.31 7.10
CA PRO A 361 16.70 6.86 5.73
C PRO A 361 16.00 5.49 5.43
N ALA A 362 16.04 4.55 6.36
CA ALA A 362 15.44 3.23 6.12
C ALA A 362 13.91 3.31 5.93
N ILE A 363 13.27 4.18 6.70
CA ILE A 363 11.86 4.37 6.60
C ILE A 363 11.49 4.99 5.26
N ILE A 364 12.30 5.96 4.82
CA ILE A 364 12.13 6.60 3.52
C ILE A 364 12.24 5.54 2.42
N LYS A 365 13.28 4.74 2.51
CA LYS A 365 13.49 3.66 1.55
C LYS A 365 12.34 2.60 1.53
N ALA A 366 11.92 2.11 2.68
CA ALA A 366 10.80 1.17 2.73
C ALA A 366 9.54 1.79 2.09
N SER A 367 9.25 3.05 2.42
CA SER A 367 8.13 3.77 1.81
C SER A 367 8.18 3.87 0.29
N GLU A 368 9.36 4.24 -0.23
CA GLU A 368 9.54 4.29 -1.68
C GLU A 368 9.28 2.94 -2.34
N ASN A 369 9.90 1.88 -1.84
CA ASN A 369 9.67 0.53 -2.36
C ASN A 369 8.22 0.08 -2.28
N HIS A 370 7.55 0.39 -1.16
CA HIS A 370 6.08 0.20 -1.00
C HIS A 370 5.29 0.83 -2.12
N SER A 371 5.78 1.94 -2.66
CA SER A 371 5.05 2.72 -3.65
C SER A 371 5.41 2.45 -5.11
N LEU A 372 6.43 1.63 -5.34
CA LEU A 372 7.09 1.53 -6.65
C LEU A 372 6.23 0.91 -7.75
N ARG A 373 6.31 1.52 -8.95
CA ARG A 373 5.67 0.96 -10.16
C ARG A 373 6.70 0.64 -11.20
N VAL A 374 6.67 -0.60 -11.60
CA VAL A 374 7.55 -1.20 -12.56
C VAL A 374 7.04 -0.88 -13.98
N GLN A 375 7.95 -0.84 -14.96
CA GLN A 375 7.52 -0.85 -16.34
C GLN A 375 7.15 -2.28 -16.74
N THR A 376 6.02 -2.43 -17.41
CA THR A 376 5.60 -3.76 -17.85
C THR A 376 6.63 -4.50 -18.73
N ASN A 377 7.31 -3.78 -19.62
CA ASN A 377 8.23 -4.45 -20.53
C ASN A 377 9.34 -5.15 -19.77
N VAL A 378 9.88 -4.46 -18.77
CA VAL A 378 10.98 -4.98 -17.95
C VAL A 378 10.51 -6.18 -17.11
N LEU A 379 9.34 -6.04 -16.48
CA LEU A 379 8.75 -7.11 -15.70
C LEU A 379 8.61 -8.39 -16.53
N ASN A 380 8.19 -8.26 -17.78
CA ASN A 380 8.01 -9.44 -18.59
C ASN A 380 9.29 -10.06 -19.02
N ASP A 381 10.29 -9.23 -19.27
CA ASP A 381 11.63 -9.73 -19.51
C ASP A 381 12.03 -10.59 -18.30
N VAL A 382 11.82 -10.06 -17.09
CA VAL A 382 12.22 -10.71 -15.81
C VAL A 382 11.49 -12.04 -15.56
N ILE A 383 10.17 -12.07 -15.75
CA ILE A 383 9.44 -13.34 -15.61
C ILE A 383 9.97 -14.37 -16.61
N MET A 384 10.09 -13.99 -17.88
CA MET A 384 10.55 -14.94 -18.91
C MET A 384 11.99 -15.37 -18.63
N ASP A 385 12.78 -14.48 -18.02
CA ASP A 385 14.13 -14.85 -17.62
C ASP A 385 14.10 -15.84 -16.45
N ALA A 386 13.12 -15.68 -15.56
CA ALA A 386 13.00 -16.58 -14.46
C ALA A 386 12.64 -17.96 -14.99
N VAL A 387 11.71 -17.98 -15.95
CA VAL A 387 11.21 -19.23 -16.54
C VAL A 387 12.29 -20.03 -17.31
N ALA A 388 13.14 -19.32 -18.07
CA ALA A 388 14.25 -19.93 -18.80
C ALA A 388 15.23 -20.60 -17.87
N MET A 389 15.62 -19.89 -16.82
CA MET A 389 16.55 -20.39 -15.80
C MET A 389 15.97 -21.56 -15.03
N ASN A 390 14.65 -21.62 -14.92
CA ASN A 390 14.02 -22.58 -14.03
C ASN A 390 12.64 -22.98 -14.56
N PRO A 391 12.60 -23.94 -15.50
CA PRO A 391 11.36 -24.38 -16.12
C PRO A 391 10.26 -24.76 -15.14
N THR A 392 9.03 -24.58 -15.61
CA THR A 392 7.87 -24.66 -14.78
C THR A 392 7.53 -26.12 -14.52
N PRO A 393 6.91 -26.41 -13.37
CA PRO A 393 6.62 -27.79 -13.00
C PRO A 393 5.31 -28.32 -13.63
N THR A 394 5.26 -29.65 -13.85
CA THR A 394 4.01 -30.34 -14.21
C THR A 394 3.15 -30.63 -12.95
N HIS A 395 1.90 -31.05 -13.15
CA HIS A 395 0.97 -31.37 -12.03
C HIS A 395 -0.04 -32.42 -12.45
N ASN A 396 0.48 -33.44 -13.16
CA ASN A 396 -0.27 -34.52 -13.82
C ASN A 396 -0.41 -34.31 -15.33
N GLY A 397 0.68 -34.58 -16.04
CA GLY A 397 0.73 -34.47 -17.50
C GLY A 397 0.82 -33.05 -18.05
N SER A 398 0.29 -32.08 -17.30
CA SER A 398 0.14 -30.70 -17.79
C SER A 398 1.09 -29.68 -17.14
N ARG A 399 1.96 -29.09 -17.94
CA ARG A 399 2.96 -28.14 -17.46
C ARG A 399 2.44 -26.68 -17.48
N LEU A 400 2.61 -25.98 -16.37
CA LEU A 400 2.24 -24.55 -16.23
C LEU A 400 2.85 -23.67 -17.33
N LYS A 401 2.01 -22.88 -17.99
CA LYS A 401 2.52 -21.83 -18.87
C LYS A 401 2.11 -20.42 -18.45
N ILE A 402 3.09 -19.52 -18.49
CA ILE A 402 2.92 -18.11 -18.15
C ILE A 402 2.91 -17.28 -19.42
N TYR A 403 1.77 -16.63 -19.69
CA TYR A 403 1.62 -15.86 -20.93
C TYR A 403 2.02 -14.39 -20.84
N TYR A 404 1.95 -13.82 -19.64
CA TYR A 404 2.08 -12.38 -19.49
C TYR A 404 1.88 -11.98 -18.02
N ALA A 405 2.59 -10.94 -17.59
CA ALA A 405 2.54 -10.40 -16.23
C ALA A 405 2.33 -8.90 -16.27
N THR A 406 1.52 -8.40 -15.35
CA THR A 406 1.39 -6.97 -15.17
C THR A 406 1.31 -6.59 -13.69
N GLN A 407 1.78 -5.38 -13.35
CA GLN A 407 1.50 -4.84 -12.01
C GLN A 407 0.06 -4.31 -11.96
N VAL A 408 -0.67 -4.65 -10.90
CA VAL A 408 -2.06 -4.27 -10.78
C VAL A 408 -2.32 -3.18 -9.74
N SER A 409 -1.34 -2.97 -8.86
CA SER A 409 -1.49 -2.01 -7.76
C SER A 409 -0.21 -1.78 -6.96
N VAL A 410 -0.27 -0.79 -6.08
CA VAL A 410 0.84 -0.45 -5.18
C VAL A 410 0.41 -0.50 -3.71
N LYS A 411 1.37 -0.33 -2.82
CA LYS A 411 1.14 -0.14 -1.38
C LYS A 411 0.27 -1.23 -0.80
N PRO A 412 0.68 -2.51 -0.95
CA PRO A 412 1.99 -3.00 -1.44
C PRO A 412 1.98 -3.33 -2.93
N PRO A 413 3.17 -3.47 -3.54
CA PRO A 413 3.15 -3.80 -4.97
C PRO A 413 2.53 -5.18 -5.21
N SER A 414 1.58 -5.26 -6.15
CA SER A 414 0.93 -6.53 -6.52
C SER A 414 0.94 -6.79 -8.01
N PHE A 415 1.16 -8.06 -8.33
CA PHE A 415 1.33 -8.49 -9.69
C PHE A 415 0.41 -9.65 -10.03
N VAL A 416 -0.11 -9.59 -11.25
CA VAL A 416 -0.91 -10.67 -11.83
C VAL A 416 -0.08 -11.31 -12.93
N VAL A 417 0.08 -12.63 -12.87
CA VAL A 417 0.62 -13.38 -14.01
C VAL A 417 -0.45 -14.23 -14.69
N PHE A 418 -0.64 -14.02 -15.99
CA PHE A 418 -1.69 -14.75 -16.71
C PHE A 418 -1.14 -16.07 -17.12
N VAL A 419 -1.90 -17.11 -16.83
CA VAL A 419 -1.41 -18.43 -17.04
C VAL A 419 -2.36 -19.31 -17.83
N ASN A 420 -1.80 -20.42 -18.30
CA ASN A 420 -2.48 -21.69 -18.52
C ASN A 420 -3.73 -21.93 -17.65
N ASP A 421 -3.47 -22.23 -16.38
CA ASP A 421 -4.46 -22.60 -15.37
C ASP A 421 -3.85 -22.28 -14.00
N PRO A 422 -4.53 -21.47 -13.17
CA PRO A 422 -3.97 -21.00 -11.89
C PRO A 422 -3.67 -22.09 -10.88
N GLU A 423 -4.37 -23.23 -10.97
CA GLU A 423 -4.17 -24.35 -10.04
C GLU A 423 -2.77 -24.98 -10.15
N LEU A 424 -2.16 -24.85 -11.34
CA LEU A 424 -0.86 -25.48 -11.63
C LEU A 424 0.34 -24.72 -11.08
N MET A 425 0.09 -23.56 -10.46
CA MET A 425 1.16 -22.72 -9.95
C MET A 425 1.39 -23.01 -8.46
N HIS A 426 2.38 -23.83 -8.17
CA HIS A 426 2.71 -24.16 -6.80
C HIS A 426 3.21 -22.93 -6.09
N PHE A 427 2.87 -22.84 -4.81
CA PHE A 427 3.35 -21.81 -3.90
C PHE A 427 4.89 -21.63 -3.93
N SER A 428 5.63 -22.72 -4.02
CA SER A 428 7.10 -22.65 -4.10
C SER A 428 7.60 -21.96 -5.38
N TYR A 429 6.91 -22.18 -6.48
CA TYR A 429 7.21 -21.49 -7.73
C TYR A 429 6.83 -20.02 -7.61
N GLU A 430 5.75 -19.76 -6.88
CA GLU A 430 5.35 -18.40 -6.59
C GLU A 430 6.48 -17.71 -5.83
N ARG A 431 7.02 -18.38 -4.79
CA ARG A 431 8.14 -17.80 -4.00
C ARG A 431 9.31 -17.48 -4.92
N PHE A 432 9.58 -18.41 -5.83
CA PHE A 432 10.68 -18.26 -6.77
C PHE A 432 10.50 -17.07 -7.70
N LEU A 433 9.29 -16.89 -8.22
CA LEU A 433 9.01 -15.73 -9.06
C LEU A 433 9.16 -14.44 -8.24
N GLU A 434 8.76 -14.48 -6.98
CA GLU A 434 8.88 -13.31 -6.12
C GLU A 434 10.34 -12.97 -5.90
N ASN A 435 11.16 -13.99 -5.69
CA ASN A 435 12.57 -13.76 -5.46
C ASN A 435 13.24 -13.13 -6.67
N ARG A 436 12.86 -13.57 -7.86
CA ARG A 436 13.45 -13.06 -9.12
C ARG A 436 13.09 -11.60 -9.38
N ILE A 437 11.83 -11.27 -9.12
CA ILE A 437 11.40 -9.88 -9.15
C ILE A 437 12.14 -9.00 -8.16
N ARG A 438 12.43 -9.55 -6.97
CA ARG A 438 13.23 -8.81 -5.96
C ARG A 438 14.64 -8.49 -6.45
N ASP A 439 15.35 -9.50 -7.00
CA ASP A 439 16.71 -9.31 -7.49
C ASP A 439 16.79 -8.19 -8.54
N ALA A 440 15.84 -8.23 -9.48
CA ALA A 440 15.75 -7.25 -10.55
C ALA A 440 15.40 -5.81 -10.09
N PHE A 441 14.44 -5.62 -9.18
CA PHE A 441 13.95 -4.25 -8.90
C PHE A 441 14.33 -3.65 -7.54
N GLY A 442 14.66 -4.51 -6.57
CA GLY A 442 14.95 -4.11 -5.20
C GLY A 442 13.83 -4.57 -4.28
N PHE A 443 12.89 -3.67 -3.98
CA PHE A 443 11.74 -3.97 -3.11
C PHE A 443 12.07 -4.25 -1.64
N GLU A 444 13.28 -3.95 -1.21
CA GLU A 444 13.58 -4.12 0.19
C GLU A 444 12.55 -3.33 1.04
N GLY A 445 12.06 -3.95 2.11
CA GLY A 445 11.22 -3.26 3.08
C GLY A 445 9.73 -3.38 2.83
N THR A 446 9.34 -4.02 1.74
CA THR A 446 7.95 -4.20 1.45
C THR A 446 7.63 -5.64 1.11
N PRO A 447 6.46 -6.13 1.55
CA PRO A 447 5.97 -7.37 0.98
C PRO A 447 5.49 -7.11 -0.45
N ILE A 448 5.46 -8.16 -1.27
CA ILE A 448 4.86 -8.08 -2.59
C ILE A 448 3.90 -9.26 -2.80
N LYS A 449 2.88 -9.04 -3.64
CA LYS A 449 1.85 -10.06 -3.93
C LYS A 449 1.85 -10.47 -5.41
N ILE A 450 1.87 -11.77 -5.64
CA ILE A 450 1.74 -12.35 -6.97
C ILE A 450 0.50 -13.24 -7.04
N PHE A 451 -0.44 -12.91 -7.93
CA PHE A 451 -1.64 -13.70 -8.15
C PHE A 451 -1.57 -14.35 -9.51
N ALA A 452 -1.92 -15.63 -9.58
CA ALA A 452 -2.03 -16.32 -10.87
C ALA A 452 -3.48 -16.25 -11.34
N ARG A 453 -3.70 -15.83 -12.58
CA ARG A 453 -5.07 -15.79 -13.14
C ARG A 453 -5.08 -16.39 -14.53
N ALA A 454 -6.21 -16.99 -14.89
CA ALA A 454 -6.40 -17.59 -16.22
C ALA A 454 -6.86 -16.59 -17.25
N ARG A 455 -6.19 -16.54 -18.41
CA ARG A 455 -6.82 -16.08 -19.66
C ARG A 455 -7.66 -17.31 -20.08
N LYS A 456 -8.99 -17.29 -19.96
CA LYS A 456 -9.80 -16.21 -19.39
C LYS A 456 -10.88 -16.85 -18.49
PG GCP B . 5.64 2.41 26.87
O1G GCP B . 5.73 0.91 26.64
O2G GCP B . 5.23 3.19 25.64
O3G GCP B . 4.86 2.82 28.10
C3B GCP B . 7.36 2.95 27.21
PB GCP B . 8.44 2.93 25.74
O1B GCP B . 8.21 1.66 24.98
O2B GCP B . 8.35 4.27 25.02
O3A GCP B . 9.94 2.86 26.31
PA GCP B . 10.56 4.16 27.01
O1A GCP B . 10.98 5.14 25.94
O2A GCP B . 9.58 4.58 28.07
O5' GCP B . 11.85 3.52 27.72
C5' GCP B . 11.68 2.40 28.60
C4' GCP B . 12.93 2.21 29.44
O4' GCP B . 14.02 1.74 28.64
C3' GCP B . 13.42 3.49 30.08
O3' GCP B . 13.94 3.13 31.36
C2' GCP B . 14.57 3.93 29.18
O2' GCP B . 15.53 4.69 29.90
C1' GCP B . 15.16 2.62 28.72
N9 GCP B . 15.76 2.74 27.38
C8 GCP B . 15.17 3.27 26.29
N7 GCP B . 15.98 3.23 25.20
C5 GCP B . 17.13 2.65 25.59
C6 GCP B . 18.43 2.28 24.94
O6 GCP B . 18.64 2.51 23.73
N1 GCP B . 19.36 1.68 25.67
C2 GCP B . 19.18 1.40 26.97
N2 GCP B . 20.21 0.78 27.61
N3 GCP B . 18.02 1.71 27.64
C4 GCP B . 16.99 2.31 27.01
#